data_3OCQ
#
_entry.id   3OCQ
#
_cell.length_a   75.490
_cell.length_b   75.490
_cell.length_c   44.757
_cell.angle_alpha   90.00
_cell.angle_beta   90.00
_cell.angle_gamma   120.00
#
_symmetry.space_group_name_H-M   'P 3 2 1'
#
loop_
_entity.id
_entity.type
_entity.pdbx_description
1 polymer 'Putative Cytosine/adenosine deaminase'
2 non-polymer 'ZINC ION'
3 water water
#
_entity_poly.entity_id   1
_entity_poly.type   'polypeptide(L)'
_entity_poly.pdbx_seq_one_letter_code
;MPPAFITGVTSLSDVELDHEYWMRHALTLAKRAWDEREVPVGAVLVHNHRVIGEGWNRPIGRHDPTAHAEIMALRQGGLV
LQNYRLLDTTLYVTLEPCVMCAGAMVHSRIGRVVFGARDAKTGAAGSLIDVLHHPGMNHRVEIIEGVLRDECATLLSDFF
RMRRQEIKALKKADRAEGAGPAV
;
_entity_poly.pdbx_strand_id   A
#
# COMPACT_ATOMS: atom_id res chain seq x y z
N LEU A 17 4.05 10.83 -13.09
CA LEU A 17 2.63 10.57 -13.48
C LEU A 17 1.63 11.28 -12.56
N ASP A 18 2.06 12.41 -11.97
CA ASP A 18 1.36 13.07 -10.83
C ASP A 18 1.04 12.05 -9.74
N HIS A 19 2.08 11.58 -9.08
CA HIS A 19 1.95 10.60 -8.02
C HIS A 19 1.20 11.19 -6.83
N GLU A 20 1.23 12.52 -6.68
CA GLU A 20 0.51 13.13 -5.57
C GLU A 20 -0.99 13.02 -5.78
N TYR A 21 -1.42 12.99 -7.04
CA TYR A 21 -2.84 12.94 -7.29
C TYR A 21 -3.37 11.58 -6.81
N TRP A 22 -2.64 10.51 -7.12
CA TRP A 22 -3.04 9.20 -6.63
C TRP A 22 -2.82 9.03 -5.11
N MET A 23 -1.73 9.55 -4.57
CA MET A 23 -1.52 9.48 -3.12
C MET A 23 -2.57 10.23 -2.32
N ARG A 24 -3.09 11.30 -2.91
CA ARG A 24 -4.14 12.03 -2.27
C ARG A 24 -5.36 11.16 -2.12
N HIS A 25 -5.70 10.44 -3.18
CA HIS A 25 -6.78 9.47 -3.07
C HIS A 25 -6.44 8.42 -1.98
N ALA A 26 -5.23 7.88 -1.97
CA ALA A 26 -4.84 6.95 -0.88
C ALA A 26 -5.04 7.58 0.52
N LEU A 27 -4.70 8.87 0.69
CA LEU A 27 -4.88 9.53 1.99
C LEU A 27 -6.35 9.61 2.30
N THR A 28 -7.16 9.82 1.25
CA THR A 28 -8.60 9.77 1.41
C THR A 28 -9.06 8.42 2.01
N LEU A 29 -8.50 7.32 1.51
CA LEU A 29 -8.84 5.99 2.01
C LEU A 29 -8.29 5.75 3.45
N ALA A 30 -7.10 6.30 3.72
CA ALA A 30 -6.48 6.24 5.03
C ALA A 30 -7.35 6.89 6.11
N LYS A 31 -8.02 7.98 5.75
CA LYS A 31 -8.92 8.70 6.66
C LYS A 31 -10.22 7.91 6.94
N ARG A 32 -10.66 7.08 5.99
CA ARG A 32 -11.69 6.08 6.26
C ARG A 32 -11.25 5.12 7.40
N ALA A 33 -10.05 4.56 7.25
CA ALA A 33 -9.40 3.78 8.31
C ALA A 33 -9.34 4.55 9.63
N TRP A 34 -9.01 5.84 9.58
CA TRP A 34 -9.01 6.66 10.78
C TRP A 34 -10.41 6.75 11.42
N ASP A 35 -11.44 6.99 10.61
CA ASP A 35 -12.81 7.07 11.14
C ASP A 35 -13.24 5.73 11.77
N GLU A 36 -12.62 4.63 11.34
CA GLU A 36 -12.94 3.32 11.88
C GLU A 36 -12.12 2.95 13.10
N ARG A 37 -11.27 3.90 13.52
CA ARG A 37 -10.31 3.73 14.61
C ARG A 37 -9.25 2.67 14.34
N GLU A 38 -8.84 2.55 13.07
CA GLU A 38 -7.79 1.59 12.60
C GLU A 38 -6.57 2.41 12.24
N VAL A 39 -5.36 1.86 12.41
CA VAL A 39 -4.15 2.57 11.97
C VAL A 39 -4.43 3.14 10.57
N PRO A 40 -4.20 4.45 10.38
CA PRO A 40 -4.75 5.02 9.15
C PRO A 40 -3.81 4.85 7.97
N VAL A 41 -3.99 3.73 7.24
CA VAL A 41 -3.28 3.50 5.99
C VAL A 41 -4.32 3.28 4.90
N GLY A 42 -4.12 3.91 3.75
CA GLY A 42 -4.94 3.69 2.55
C GLY A 42 -4.09 3.27 1.38
N ALA A 43 -4.71 2.62 0.39
CA ALA A 43 -3.95 2.21 -0.81
C ALA A 43 -4.84 2.28 -2.03
N VAL A 44 -4.24 2.55 -3.20
CA VAL A 44 -5.00 2.42 -4.47
C VAL A 44 -4.14 1.78 -5.54
N LEU A 45 -4.75 0.86 -6.28
CA LEU A 45 -4.03 0.19 -7.35
C LEU A 45 -4.47 0.80 -8.68
N VAL A 46 -3.51 1.26 -9.47
CA VAL A 46 -3.78 1.99 -10.70
C VAL A 46 -3.23 1.17 -11.87
N HIS A 47 -4.06 1.04 -12.92
CA HIS A 47 -3.72 0.37 -14.19
C HIS A 47 -4.20 1.29 -15.32
N ASN A 48 -3.31 1.64 -16.26
CA ASN A 48 -3.63 2.58 -17.36
C ASN A 48 -4.36 3.85 -16.90
N HIS A 49 -3.86 4.40 -15.80
CA HIS A 49 -4.28 5.68 -15.25
C HIS A 49 -5.73 5.66 -14.74
N ARG A 50 -6.24 4.45 -14.54
CA ARG A 50 -7.53 4.21 -13.87
C ARG A 50 -7.35 3.39 -12.57
N VAL A 51 -8.17 3.72 -11.57
CA VAL A 51 -8.14 3.01 -10.30
C VAL A 51 -8.79 1.65 -10.57
N ILE A 52 -8.14 0.56 -10.17
CA ILE A 52 -8.76 -0.77 -10.25
C ILE A 52 -8.83 -1.51 -8.93
N GLY A 53 -8.27 -0.92 -7.88
CA GLY A 53 -8.58 -1.39 -6.53
C GLY A 53 -8.32 -0.29 -5.52
N GLU A 54 -9.11 -0.30 -4.44
CA GLU A 54 -8.90 0.61 -3.32
C GLU A 54 -8.77 -0.26 -2.07
N GLY A 55 -8.07 0.24 -1.04
CA GLY A 55 -7.99 -0.50 0.25
C GLY A 55 -7.79 0.45 1.44
N TRP A 56 -8.26 0.05 2.60
CA TRP A 56 -7.78 0.75 3.82
C TRP A 56 -7.63 -0.25 4.96
N ASN A 57 -6.81 0.11 5.96
CA ASN A 57 -6.44 -0.79 7.08
C ASN A 57 -7.69 -1.04 7.93
N ARG A 58 -8.05 -2.31 8.11
CA ARG A 58 -9.15 -2.71 9.04
C ARG A 58 -9.02 -4.09 9.69
N PRO A 59 -7.83 -4.41 10.24
CA PRO A 59 -7.73 -5.74 10.86
C PRO A 59 -8.63 -5.87 12.09
N ILE A 60 -8.66 -4.85 12.92
CA ILE A 60 -9.28 -5.00 14.23
C ILE A 60 -10.74 -5.26 13.97
N GLY A 61 -11.35 -4.39 13.16
CA GLY A 61 -12.78 -4.42 12.87
C GLY A 61 -13.24 -5.65 12.13
N ARG A 62 -12.48 -6.07 11.12
CA ARG A 62 -12.80 -7.29 10.38
C ARG A 62 -12.41 -8.58 11.07
N HIS A 63 -11.80 -8.48 12.26
CA HIS A 63 -11.20 -9.65 12.90
C HIS A 63 -10.32 -10.45 11.92
N ASP A 64 -9.48 -9.74 11.17
CA ASP A 64 -8.70 -10.33 10.04
C ASP A 64 -7.23 -9.83 10.08
N PRO A 65 -6.31 -10.68 10.54
CA PRO A 65 -4.96 -10.14 10.63
C PRO A 65 -4.39 -9.70 9.27
N THR A 66 -4.93 -10.23 8.16
CA THR A 66 -4.43 -9.93 6.83
C THR A 66 -5.07 -8.65 6.20
N ALA A 67 -5.95 -7.93 6.91
CA ALA A 67 -6.79 -6.91 6.27
C ALA A 67 -6.09 -5.55 6.28
N HIS A 68 -4.90 -5.55 5.72
CA HIS A 68 -4.20 -4.31 5.41
C HIS A 68 -4.73 -3.68 4.12
N ALA A 69 -4.49 -2.37 4.02
CA ALA A 69 -4.80 -1.56 2.85
C ALA A 69 -4.36 -2.26 1.53
N GLU A 70 -3.09 -2.61 1.45
CA GLU A 70 -2.55 -3.22 0.23
C GLU A 70 -3.20 -4.50 -0.15
N ILE A 71 -3.46 -5.35 0.86
CA ILE A 71 -4.11 -6.67 0.62
C ILE A 71 -5.52 -6.41 0.02
N MET A 72 -6.24 -5.47 0.60
CA MET A 72 -7.61 -5.19 0.13
C MET A 72 -7.57 -4.61 -1.29
N ALA A 73 -6.62 -3.69 -1.56
CA ALA A 73 -6.55 -3.14 -2.91
C ALA A 73 -6.09 -4.17 -3.95
N LEU A 74 -5.20 -5.10 -3.58
CA LEU A 74 -4.68 -6.09 -4.57
C LEU A 74 -5.72 -7.11 -4.89
N ARG A 75 -6.48 -7.50 -3.87
CA ARG A 75 -7.67 -8.34 -4.07
C ARG A 75 -8.73 -7.77 -5.01
N GLN A 76 -9.09 -6.50 -4.82
CA GLN A 76 -10.03 -5.83 -5.76
C GLN A 76 -9.49 -5.84 -7.20
N GLY A 77 -8.19 -5.55 -7.32
CA GLY A 77 -7.52 -5.47 -8.62
C GLY A 77 -7.66 -6.79 -9.35
N GLY A 78 -7.43 -7.88 -8.63
CA GLY A 78 -7.64 -9.21 -9.21
C GLY A 78 -9.05 -9.48 -9.74
N LEU A 79 -10.06 -9.06 -8.99
CA LEU A 79 -11.48 -9.14 -9.43
C LEU A 79 -11.73 -8.29 -10.67
N VAL A 80 -11.17 -7.08 -10.66
CA VAL A 80 -11.43 -6.15 -11.74
C VAL A 80 -10.75 -6.67 -13.01
N LEU A 81 -9.54 -7.18 -12.88
CA LEU A 81 -8.83 -7.70 -14.04
C LEU A 81 -9.15 -9.17 -14.37
N GLN A 82 -9.92 -9.85 -13.54
CA GLN A 82 -10.15 -11.30 -13.73
C GLN A 82 -8.83 -12.03 -13.92
N ASN A 83 -7.87 -11.71 -13.04
CA ASN A 83 -6.54 -12.26 -13.12
C ASN A 83 -5.81 -12.09 -11.80
N TYR A 84 -5.16 -13.16 -11.33
CA TYR A 84 -4.41 -13.01 -10.10
C TYR A 84 -3.08 -12.27 -10.37
N ARG A 85 -2.62 -12.24 -11.61
CA ARG A 85 -1.44 -11.44 -11.92
C ARG A 85 -1.85 -10.03 -12.34
N LEU A 86 -1.21 -9.03 -11.77
CA LEU A 86 -1.63 -7.65 -11.95
C LEU A 86 -0.51 -6.87 -12.64
N LEU A 87 -0.14 -7.31 -13.83
CA LEU A 87 1.02 -6.80 -14.54
C LEU A 87 0.91 -5.32 -14.83
N ASP A 88 2.02 -4.61 -14.55
CA ASP A 88 2.23 -3.21 -14.96
C ASP A 88 1.40 -2.22 -14.15
N THR A 89 0.87 -2.66 -13.02
CA THR A 89 0.13 -1.80 -12.14
C THR A 89 1.02 -1.00 -11.21
N THR A 90 0.47 0.08 -10.68
CA THR A 90 1.19 0.80 -9.65
C THR A 90 0.32 0.80 -8.42
N LEU A 91 0.91 0.37 -7.32
CA LEU A 91 0.19 0.37 -6.06
C LEU A 91 0.61 1.57 -5.23
N TYR A 92 -0.32 2.45 -4.92
CA TYR A 92 0.03 3.60 -4.05
C TYR A 92 -0.38 3.28 -2.63
N VAL A 93 0.47 3.58 -1.64
CA VAL A 93 0.12 3.37 -0.24
C VAL A 93 0.71 4.43 0.70
N THR A 94 -0.04 4.85 1.72
CA THR A 94 0.37 5.97 2.59
C THR A 94 1.57 5.65 3.53
N LEU A 95 1.87 4.36 3.66
CA LEU A 95 3.01 3.89 4.47
C LEU A 95 3.71 2.74 3.77
N GLU A 96 5.03 2.70 3.85
CA GLU A 96 5.84 1.56 3.42
C GLU A 96 5.18 0.22 3.77
N PRO A 97 5.14 -0.71 2.78
CA PRO A 97 4.47 -2.00 3.03
C PRO A 97 5.22 -2.93 3.98
N CYS A 98 4.45 -3.70 4.74
CA CYS A 98 4.98 -4.61 5.73
C CYS A 98 5.46 -5.85 4.95
N VAL A 99 6.04 -6.82 5.66
CA VAL A 99 6.53 -8.03 4.99
C VAL A 99 5.39 -8.76 4.31
N MET A 100 4.25 -8.87 4.99
CA MET A 100 3.12 -9.61 4.43
C MET A 100 2.68 -8.98 3.09
N CYS A 101 2.56 -7.66 3.09
CA CYS A 101 2.09 -6.93 1.87
C CYS A 101 3.12 -6.84 0.78
N ALA A 102 4.41 -6.73 1.17
CA ALA A 102 5.49 -6.73 0.21
C ALA A 102 5.50 -8.07 -0.55
N GLY A 103 5.32 -9.19 0.14
CA GLY A 103 5.23 -10.55 -0.48
C GLY A 103 4.02 -10.71 -1.41
N ALA A 104 2.91 -10.15 -0.99
CA ALA A 104 1.70 -10.07 -1.83
C ALA A 104 1.92 -9.30 -3.14
N MET A 105 2.58 -8.15 -3.04
CA MET A 105 2.94 -7.39 -4.25
C MET A 105 3.83 -8.18 -5.16
N VAL A 106 4.83 -8.88 -4.62
CA VAL A 106 5.64 -9.81 -5.43
C VAL A 106 4.85 -10.95 -6.11
N HIS A 107 3.94 -11.59 -5.39
CA HIS A 107 3.11 -12.64 -5.99
C HIS A 107 2.18 -12.06 -7.07
N SER A 108 1.68 -10.84 -6.83
CA SER A 108 0.79 -10.16 -7.76
C SER A 108 1.52 -9.68 -9.05
N ARG A 109 2.86 -9.68 -9.04
CA ARG A 109 3.65 -9.24 -10.19
C ARG A 109 3.32 -7.83 -10.59
N ILE A 110 3.03 -6.95 -9.63
CA ILE A 110 2.86 -5.53 -9.92
C ILE A 110 4.14 -4.86 -10.46
N GLY A 111 3.98 -3.81 -11.25
CA GLY A 111 5.11 -3.07 -11.80
C GLY A 111 5.82 -2.22 -10.76
N ARG A 112 5.04 -1.57 -9.90
CA ARG A 112 5.60 -0.50 -9.06
C ARG A 112 4.82 -0.28 -7.79
N VAL A 113 5.50 0.07 -6.70
CA VAL A 113 4.87 0.51 -5.45
C VAL A 113 5.36 1.93 -5.11
N VAL A 114 4.40 2.83 -4.87
CA VAL A 114 4.74 4.21 -4.45
C VAL A 114 4.22 4.41 -3.03
N PHE A 115 5.08 4.77 -2.07
CA PHE A 115 4.65 4.96 -0.68
C PHE A 115 4.95 6.32 -0.03
N GLY A 116 4.19 6.68 1.00
CA GLY A 116 4.27 8.00 1.58
C GLY A 116 5.38 8.05 2.62
N ALA A 117 5.05 7.66 3.85
CA ALA A 117 6.01 7.61 4.96
C ALA A 117 6.71 6.25 5.02
N ARG A 118 7.97 6.26 5.47
CA ARG A 118 8.68 5.02 5.84
C ARG A 118 8.17 4.48 7.17
N ASP A 119 8.24 3.16 7.29
CA ASP A 119 7.99 2.48 8.55
C ASP A 119 9.32 2.00 9.06
N ALA A 120 9.94 2.80 9.91
CA ALA A 120 11.35 2.67 10.19
C ALA A 120 11.66 1.37 10.90
N LYS A 121 10.68 0.90 11.68
CA LYS A 121 10.82 -0.27 12.52
C LYS A 121 10.58 -1.59 11.79
N THR A 122 9.49 -1.65 11.01
CA THR A 122 9.05 -2.90 10.37
C THR A 122 8.68 -2.81 8.90
N GLY A 123 9.07 -1.71 8.23
CA GLY A 123 8.79 -1.54 6.81
C GLY A 123 9.60 -2.53 6.02
N ALA A 124 9.02 -3.07 4.96
CA ALA A 124 9.73 -4.12 4.28
C ALA A 124 10.15 -3.74 2.86
N ALA A 125 10.27 -2.45 2.61
CA ALA A 125 10.84 -1.97 1.33
C ALA A 125 12.07 -1.10 1.58
N GLY A 126 13.05 -1.70 2.23
CA GLY A 126 14.30 -1.02 2.51
C GLY A 126 14.47 -0.45 3.90
N SER A 127 13.48 -0.64 4.77
CA SER A 127 13.63 -0.17 6.15
C SER A 127 14.11 -1.27 7.07
N LEU A 128 13.26 -2.25 7.34
CA LEU A 128 13.71 -3.36 8.12
C LEU A 128 14.36 -4.40 7.24
N ILE A 129 13.74 -4.61 6.08
CA ILE A 129 14.11 -5.71 5.22
C ILE A 129 13.72 -5.14 3.85
N ASP A 130 14.37 -5.56 2.77
CA ASP A 130 13.87 -5.13 1.46
C ASP A 130 13.47 -6.36 0.68
N VAL A 131 12.24 -6.82 0.92
CA VAL A 131 11.66 -7.98 0.25
C VAL A 131 11.50 -7.78 -1.27
N LEU A 132 11.32 -6.54 -1.69
CA LEU A 132 10.94 -6.27 -3.07
C LEU A 132 12.07 -6.42 -4.10
N HIS A 133 13.32 -6.43 -3.61
CA HIS A 133 14.53 -6.60 -4.41
C HIS A 133 15.45 -7.62 -3.73
N HIS A 134 14.86 -8.59 -3.01
CA HIS A 134 15.62 -9.67 -2.39
C HIS A 134 16.02 -10.66 -3.50
N PRO A 135 17.28 -11.15 -3.46
CA PRO A 135 17.90 -11.72 -4.66
C PRO A 135 17.34 -13.06 -5.15
N GLY A 136 16.33 -13.59 -4.47
CA GLY A 136 15.67 -14.82 -4.94
C GLY A 136 14.21 -14.72 -5.40
N MET A 137 13.61 -13.53 -5.30
CA MET A 137 12.21 -13.36 -5.75
C MET A 137 12.22 -13.47 -7.28
N ASN A 138 11.20 -14.10 -7.85
CA ASN A 138 11.10 -14.23 -9.31
C ASN A 138 10.64 -12.95 -10.02
N HIS A 139 10.36 -11.91 -9.25
CA HIS A 139 9.80 -10.66 -9.80
C HIS A 139 10.29 -9.49 -9.00
N ARG A 140 10.72 -8.44 -9.69
CA ARG A 140 11.15 -7.19 -9.04
C ARG A 140 10.07 -6.11 -9.16
N VAL A 141 9.66 -5.54 -8.03
CA VAL A 141 8.79 -4.34 -7.98
C VAL A 141 9.65 -3.06 -7.86
N GLU A 142 9.42 -2.07 -8.73
CA GLU A 142 10.08 -0.78 -8.54
C GLU A 142 9.52 -0.01 -7.34
N ILE A 143 10.37 0.81 -6.71
CA ILE A 143 9.96 1.55 -5.51
C ILE A 143 10.18 3.05 -5.72
N ILE A 144 9.20 3.85 -5.30
CA ILE A 144 9.32 5.30 -5.18
C ILE A 144 8.77 5.67 -3.78
N GLU A 145 9.51 6.45 -3.00
CA GLU A 145 9.12 6.73 -1.61
C GLU A 145 8.86 8.22 -1.41
N GLY A 146 8.20 8.57 -0.31
CA GLY A 146 8.18 9.97 0.16
C GLY A 146 7.13 10.82 -0.56
N VAL A 147 6.22 10.19 -1.28
CA VAL A 147 5.20 11.00 -1.96
C VAL A 147 4.17 11.49 -0.97
N LEU A 148 3.94 12.80 -0.94
CA LEU A 148 3.15 13.41 0.13
C LEU A 148 3.59 12.92 1.50
N ARG A 149 4.91 12.77 1.66
CA ARG A 149 5.50 12.17 2.86
C ARG A 149 4.94 12.75 4.16
N ASP A 150 4.92 14.08 4.25
CA ASP A 150 4.61 14.76 5.51
C ASP A 150 3.14 14.65 5.85
N GLU A 151 2.32 14.70 4.81
CA GLU A 151 0.92 14.40 4.96
C GLU A 151 0.70 12.97 5.49
N CYS A 152 1.41 12.00 4.93
CA CYS A 152 1.20 10.62 5.39
C CYS A 152 1.66 10.39 6.83
N ALA A 153 2.81 10.97 7.19
CA ALA A 153 3.37 10.85 8.56
C ALA A 153 2.50 11.46 9.64
N THR A 154 1.91 12.61 9.33
CA THR A 154 1.14 13.37 10.29
C THR A 154 -0.14 12.62 10.65
N LEU A 155 -0.76 11.98 9.66
CA LEU A 155 -1.90 11.10 9.93
C LEU A 155 -1.54 10.02 10.95
N LEU A 156 -0.42 9.37 10.73
CA LEU A 156 -0.03 8.26 11.58
C LEU A 156 0.42 8.77 12.95
N SER A 157 1.12 9.91 12.95
CA SER A 157 1.57 10.51 14.22
C SER A 157 0.40 10.93 15.09
N ASP A 158 -0.55 11.65 14.50
CA ASP A 158 -1.76 12.01 15.22
C ASP A 158 -2.50 10.77 15.68
N PHE A 159 -2.42 9.68 14.92
CA PHE A 159 -3.09 8.49 15.38
C PHE A 159 -2.46 7.96 16.67
N PHE A 160 -1.14 7.92 16.73
CA PHE A 160 -0.47 7.31 17.86
C PHE A 160 -0.54 8.17 19.11
N ARG A 161 -0.45 9.48 18.91
CA ARG A 161 -0.73 10.45 19.97
C ARG A 161 -2.10 10.19 20.62
N MET A 162 -3.11 10.05 19.77
CA MET A 162 -4.50 9.76 20.20
C MET A 162 -4.67 8.67 21.26
#